data_7TZK
#
_entry.id   7TZK
#
_cell.length_a   34.681
_cell.length_b   35.280
_cell.length_c   53.647
_cell.angle_alpha   90.000
_cell.angle_beta   105.570
_cell.angle_gamma   90.000
#
_symmetry.space_group_name_H-M   'P 1 21 1'
#
loop_
_entity.id
_entity.type
_entity.pdbx_description
1 polymer 'Epidermal growth factor receptor kinase substrate 8'
2 polymer 'T3SS secreted effector NleH homolog'
3 water water
#
loop_
_entity_poly.entity_id
_entity_poly.type
_entity_poly.pdbx_seq_one_letter_code
_entity_poly.pdbx_strand_id
1 'polypeptide(L)' SNAQPKKYAKSKYDFVARNNSELSVLKDDILEILDDRKQWWKVRNASGDSGFVPNNILDIVRPP A,B
2 'polypeptide(L)' PPELPSVDYNSL C,D
#
# COMPACT_ATOMS: atom_id res chain seq x y z
N SER A 1 6.47 15.11 1.38
CA SER A 1 7.04 16.34 2.00
C SER A 1 8.25 16.03 2.88
N ASN A 2 8.34 14.80 3.37
CA ASN A 2 9.56 14.30 3.97
C ASN A 2 10.10 13.15 3.13
N ALA A 3 11.41 12.95 3.18
CA ALA A 3 12.02 11.88 2.40
C ALA A 3 11.40 10.54 2.75
N GLN A 4 11.01 10.35 4.01
CA GLN A 4 10.37 9.13 4.49
C GLN A 4 8.99 9.50 4.99
N PRO A 5 8.00 9.57 4.11
CA PRO A 5 6.66 9.97 4.56
C PRO A 5 6.06 8.92 5.48
N LYS A 6 5.16 9.38 6.33
CA LYS A 6 4.37 8.45 7.12
C LYS A 6 3.38 7.72 6.22
N LYS A 7 3.10 6.47 6.57
CA LYS A 7 2.20 5.61 5.82
C LYS A 7 0.89 5.49 6.59
N TYR A 8 -0.22 5.58 5.87
CA TYR A 8 -1.52 5.61 6.50
C TYR A 8 -2.42 4.55 5.93
N ALA A 9 -3.41 4.19 6.74
CA ALA A 9 -4.44 3.26 6.37
C ALA A 9 -5.79 3.88 6.74
N LYS A 10 -6.82 3.41 6.06
CA LYS A 10 -8.18 3.82 6.36
C LYS A 10 -8.96 2.58 6.75
N SER A 11 -9.66 2.66 7.88
CA SER A 11 -10.39 1.50 8.34
C SER A 11 -11.66 1.33 7.54
N LYS A 12 -11.94 0.09 7.17
CA LYS A 12 -13.16 -0.25 6.46
C LYS A 12 -14.32 -0.55 7.38
N TYR A 13 -14.06 -0.75 8.67
CA TYR A 13 -15.06 -1.27 9.58
C TYR A 13 -14.82 -0.67 10.95
N ASP A 14 -15.88 -0.62 11.76
CA ASP A 14 -15.69 -0.42 13.18
C ASP A 14 -15.06 -1.66 13.77
N PHE A 15 -14.10 -1.44 14.66
CA PHE A 15 -13.41 -2.53 15.33
C PHE A 15 -13.25 -2.12 16.79
N VAL A 16 -13.69 -2.98 17.71
CA VAL A 16 -13.60 -2.72 19.13
C VAL A 16 -12.48 -3.57 19.70
N ALA A 17 -11.53 -2.90 20.33
CA ALA A 17 -10.43 -3.59 20.99
C ALA A 17 -10.96 -4.65 21.93
N ARG A 18 -10.43 -5.86 21.81
CA ARG A 18 -10.77 -6.96 22.70
C ARG A 18 -9.93 -6.96 23.97
N ASN A 19 -8.86 -6.18 23.99
CA ASN A 19 -7.99 -6.05 25.14
C ASN A 19 -7.25 -4.73 24.96
N ASN A 20 -6.48 -4.35 25.97
CA ASN A 20 -5.83 -3.04 25.96
C ASN A 20 -4.61 -2.99 25.06
N SER A 21 -4.26 -4.10 24.39
CA SER A 21 -3.21 -4.10 23.39
C SER A 21 -3.74 -3.76 22.01
N GLU A 22 -5.03 -3.98 21.78
CA GLU A 22 -5.68 -3.68 20.51
C GLU A 22 -6.20 -2.25 20.55
N LEU A 23 -6.44 -1.71 19.37
CA LEU A 23 -6.86 -0.31 19.21
C LEU A 23 -8.22 -0.29 18.56
N SER A 24 -9.21 0.18 19.32
CA SER A 24 -10.53 0.42 18.76
C SER A 24 -10.45 1.51 17.69
N VAL A 25 -11.06 1.24 16.55
CA VAL A 25 -11.10 2.19 15.46
C VAL A 25 -12.49 2.14 14.84
N LEU A 26 -12.82 3.19 14.12
CA LEU A 26 -14.11 3.32 13.48
C LEU A 26 -13.94 3.27 11.97
N LYS A 27 -14.99 2.84 11.29
CA LYS A 27 -15.02 2.92 9.85
C LYS A 27 -14.64 4.34 9.42
N ASP A 28 -13.76 4.44 8.44
CA ASP A 28 -13.29 5.66 7.82
C ASP A 28 -12.26 6.38 8.68
N ASP A 29 -11.87 5.83 9.83
CA ASP A 29 -10.78 6.43 10.56
C ASP A 29 -9.50 6.29 9.74
N ILE A 30 -8.67 7.31 9.79
CA ILE A 30 -7.35 7.31 9.18
C ILE A 30 -6.34 7.00 10.28
N LEU A 31 -5.46 6.06 10.01
CA LEU A 31 -4.56 5.51 11.02
C LEU A 31 -3.16 5.51 10.45
N GLU A 32 -2.20 5.97 11.23
CA GLU A 32 -0.81 5.83 10.85
C GLU A 32 -0.41 4.37 10.99
N ILE A 33 0.24 3.83 9.96
CA ILE A 33 0.77 2.47 10.00
C ILE A 33 2.14 2.52 10.66
N LEU A 34 2.23 1.99 11.86
CA LEU A 34 3.51 1.97 12.56
C LEU A 34 4.27 0.69 12.31
N ASP A 35 3.56 -0.41 12.12
CA ASP A 35 4.19 -1.71 12.00
C ASP A 35 3.20 -2.59 11.26
N ASP A 36 3.55 -3.02 10.05
CA ASP A 36 2.69 -3.89 9.26
C ASP A 36 3.35 -5.24 8.99
N ARG A 37 4.33 -5.62 9.81
CA ARG A 37 5.09 -6.84 9.56
C ARG A 37 4.27 -8.10 9.82
N LYS A 38 3.25 -8.02 10.65
CA LYS A 38 2.45 -9.18 11.02
C LYS A 38 1.01 -8.97 10.56
N GLN A 39 0.14 -9.89 10.95
CA GLN A 39 -1.26 -9.79 10.55
C GLN A 39 -1.98 -8.71 11.33
N TRP A 40 -1.59 -8.51 12.57
CA TRP A 40 -2.09 -7.41 13.39
C TRP A 40 -1.08 -6.27 13.25
N TRP A 41 -1.52 -5.16 12.68
CA TRP A 41 -0.66 -4.01 12.51
C TRP A 41 -0.73 -3.09 13.72
N LYS A 42 0.41 -2.53 14.08
CA LYS A 42 0.40 -1.47 15.06
C LYS A 42 0.11 -0.17 14.34
N VAL A 43 -0.90 0.55 14.81
CA VAL A 43 -1.33 1.77 14.16
C VAL A 43 -1.52 2.82 15.23
N ARG A 44 -1.53 4.07 14.79
CA ARG A 44 -1.76 5.20 15.68
C ARG A 44 -2.92 6.00 15.14
N ASN A 45 -3.83 6.38 16.02
CA ASN A 45 -4.97 7.14 15.56
C ASN A 45 -4.73 8.62 15.76
N ALA A 46 -5.71 9.42 15.37
CA ALA A 46 -5.53 10.86 15.40
C ALA A 46 -5.33 11.38 16.81
N SER A 47 -5.83 10.66 17.81
CA SER A 47 -5.68 11.09 19.19
CA SER A 47 -5.68 11.09 19.19
C SER A 47 -4.33 10.72 19.78
N GLY A 48 -3.46 10.08 19.01
CA GLY A 48 -2.17 9.66 19.51
C GLY A 48 -2.13 8.30 20.17
N ASP A 49 -3.29 7.65 20.32
CA ASP A 49 -3.29 6.29 20.85
C ASP A 49 -2.80 5.32 19.79
N SER A 50 -2.09 4.30 20.25
CA SER A 50 -1.56 3.28 19.37
C SER A 50 -1.87 1.91 19.94
N GLY A 51 -1.99 0.97 19.03
CA GLY A 51 -2.25 -0.42 19.37
C GLY A 51 -2.44 -1.20 18.10
N PHE A 52 -2.89 -2.43 18.25
CA PHE A 52 -2.95 -3.37 17.15
C PHE A 52 -4.36 -3.48 16.62
N VAL A 53 -4.43 -3.54 15.29
CA VAL A 53 -5.68 -3.68 14.57
C VAL A 53 -5.47 -4.75 13.52
N PRO A 54 -6.50 -5.48 13.15
CA PRO A 54 -6.37 -6.51 12.11
C PRO A 54 -6.09 -5.89 10.75
N ASN A 55 -5.11 -6.45 10.06
CA ASN A 55 -4.76 -5.98 8.73
C ASN A 55 -5.97 -5.90 7.82
N ASN A 56 -6.89 -6.85 7.98
CA ASN A 56 -7.93 -7.04 6.98
C ASN A 56 -9.12 -6.11 7.16
N ILE A 57 -9.05 -5.18 8.12
CA ILE A 57 -10.00 -4.10 8.17
C ILE A 57 -9.45 -2.82 7.57
N LEU A 58 -8.23 -2.84 7.09
CA LEU A 58 -7.55 -1.63 6.70
C LEU A 58 -7.29 -1.60 5.20
N ASP A 59 -7.47 -0.43 4.62
CA ASP A 59 -7.05 -0.14 3.25
C ASP A 59 -5.89 0.84 3.32
N ILE A 60 -4.87 0.59 2.51
CA ILE A 60 -3.77 1.53 2.40
C ILE A 60 -4.28 2.84 1.84
N VAL A 61 -3.74 3.95 2.33
CA VAL A 61 -4.06 5.29 1.84
C VAL A 61 -2.93 5.75 0.93
N ARG A 62 -3.30 6.33 -0.20
CA ARG A 62 -2.32 6.74 -1.19
C ARG A 62 -1.50 7.92 -0.66
N PRO A 63 -0.20 7.97 -0.94
CA PRO A 63 0.57 9.17 -0.64
C PRO A 63 0.05 10.34 -1.46
N PRO A 64 0.04 11.56 -0.90
CA PRO A 64 -0.50 12.71 -1.64
C PRO A 64 0.08 12.84 -3.04
N SER B 1 15.49 13.77 -24.17
CA SER B 1 15.81 13.95 -25.61
C SER B 1 14.56 14.19 -26.45
N ASN B 2 13.39 14.05 -25.83
CA ASN B 2 12.13 14.48 -26.40
C ASN B 2 11.51 15.53 -25.49
N ALA B 3 10.64 16.37 -26.06
CA ALA B 3 10.03 17.43 -25.26
C ALA B 3 9.26 16.86 -24.08
N GLN B 4 8.62 15.71 -24.27
CA GLN B 4 7.87 15.03 -23.21
CA GLN B 4 7.87 15.03 -23.21
C GLN B 4 8.49 13.64 -23.04
N PRO B 5 9.55 13.53 -22.26
CA PRO B 5 10.20 12.22 -22.11
C PRO B 5 9.27 11.22 -21.44
N LYS B 6 9.58 9.95 -21.62
CA LYS B 6 8.90 8.91 -20.88
C LYS B 6 9.35 8.95 -19.43
N LYS B 7 8.43 8.68 -18.51
CA LYS B 7 8.71 8.67 -17.09
C LYS B 7 8.78 7.24 -16.59
N TYR B 8 9.77 6.97 -15.73
CA TYR B 8 10.05 5.61 -15.27
C TYR B 8 10.00 5.52 -13.75
N ALA B 9 9.78 4.29 -13.28
CA ALA B 9 9.85 3.94 -11.88
C ALA B 9 10.76 2.72 -11.74
N LYS B 10 11.34 2.56 -10.57
CA LYS B 10 12.13 1.38 -10.25
C LYS B 10 11.44 0.61 -9.13
N SER B 11 11.20 -0.68 -9.35
CA SER B 11 10.53 -1.48 -8.35
C SER B 11 11.47 -1.82 -7.19
N LYS B 12 10.97 -1.61 -5.97
CA LYS B 12 11.70 -1.96 -4.77
C LYS B 12 11.58 -3.44 -4.44
N TYR B 13 10.61 -4.13 -5.04
CA TYR B 13 10.31 -5.49 -4.62
C TYR B 13 9.86 -6.32 -5.82
N ASP B 14 10.00 -7.64 -5.66
CA ASP B 14 9.27 -8.55 -6.51
C ASP B 14 7.78 -8.42 -6.24
N PHE B 15 7.00 -8.46 -7.30
CA PHE B 15 5.55 -8.44 -7.19
C PHE B 15 5.03 -9.41 -8.25
N VAL B 16 4.18 -10.33 -7.83
CA VAL B 16 3.61 -11.33 -8.73
C VAL B 16 2.16 -10.94 -8.96
N ALA B 17 1.82 -10.73 -10.23
CA ALA B 17 0.47 -10.40 -10.61
C ALA B 17 -0.50 -11.44 -10.08
N ARG B 18 -1.62 -10.96 -9.53
CA ARG B 18 -2.66 -11.83 -8.98
C ARG B 18 -3.74 -12.13 -9.99
N ASN B 19 -3.68 -11.52 -11.16
CA ASN B 19 -4.63 -11.74 -12.24
C ASN B 19 -3.97 -11.18 -13.50
N ASN B 20 -4.70 -11.25 -14.61
CA ASN B 20 -4.06 -10.83 -15.85
C ASN B 20 -4.10 -9.31 -16.06
N SER B 21 -4.73 -8.55 -15.16
CA SER B 21 -4.67 -7.09 -15.23
C SER B 21 -3.46 -6.52 -14.51
N GLU B 22 -2.89 -7.25 -13.57
CA GLU B 22 -1.70 -6.79 -12.89
C GLU B 22 -0.46 -7.30 -13.59
N LEU B 23 0.64 -6.59 -13.37
CA LEU B 23 1.88 -6.85 -14.08
C LEU B 23 2.93 -7.33 -13.10
N SER B 24 3.39 -8.56 -13.28
CA SER B 24 4.48 -9.07 -12.47
C SER B 24 5.75 -8.32 -12.81
N VAL B 25 6.45 -7.89 -11.77
CA VAL B 25 7.72 -7.19 -11.91
C VAL B 25 8.66 -7.74 -10.85
N LEU B 26 9.94 -7.49 -11.05
CA LEU B 26 10.96 -7.93 -10.12
C LEU B 26 11.61 -6.73 -9.46
N LYS B 27 12.21 -6.97 -8.29
CA LYS B 27 13.00 -5.94 -7.66
C LYS B 27 14.04 -5.42 -8.65
N ASP B 28 14.19 -4.11 -8.71
CA ASP B 28 15.14 -3.38 -9.54
C ASP B 28 14.67 -3.27 -10.98
N ASP B 29 13.53 -3.84 -11.33
CA ASP B 29 12.98 -3.62 -12.67
C ASP B 29 12.69 -2.14 -12.88
N ILE B 30 13.03 -1.64 -14.07
CA ILE B 30 12.66 -0.29 -14.50
C ILE B 30 11.38 -0.37 -15.31
N LEU B 31 10.42 0.48 -14.98
CA LEU B 31 9.08 0.43 -15.54
C LEU B 31 8.67 1.80 -16.03
N GLU B 32 8.13 1.86 -17.23
CA GLU B 32 7.56 3.10 -17.72
C GLU B 32 6.25 3.35 -17.00
N ILE B 33 6.10 4.56 -16.47
CA ILE B 33 4.87 4.98 -15.81
C ILE B 33 3.89 5.48 -16.87
N LEU B 34 2.84 4.70 -17.11
CA LEU B 34 1.79 5.06 -18.04
C LEU B 34 0.70 5.85 -17.36
N ASP B 35 0.36 5.49 -16.12
CA ASP B 35 -0.77 6.08 -15.42
C ASP B 35 -0.50 5.97 -13.93
N ASP B 36 -0.32 7.10 -13.27
CA ASP B 36 -0.03 7.12 -11.83
C ASP B 36 -1.11 7.82 -11.04
N ARG B 37 -2.34 7.85 -11.57
CA ARG B 37 -3.39 8.64 -10.97
C ARG B 37 -3.97 7.97 -9.72
N LYS B 38 -4.03 6.64 -9.71
CA LYS B 38 -4.68 5.92 -8.63
C LYS B 38 -3.61 5.23 -7.78
N GLN B 39 -4.04 4.28 -6.95
CA GLN B 39 -3.08 3.57 -6.11
C GLN B 39 -2.38 2.47 -6.87
N TRP B 40 -3.05 1.88 -7.85
CA TRP B 40 -2.43 0.94 -8.77
C TRP B 40 -2.07 1.72 -10.04
N TRP B 41 -0.79 1.75 -10.35
CA TRP B 41 -0.29 2.48 -11.49
C TRP B 41 -0.19 1.53 -12.68
N LYS B 42 -0.55 2.02 -13.85
CA LYS B 42 -0.31 1.25 -15.05
C LYS B 42 1.13 1.52 -15.48
N VAL B 43 1.88 0.45 -15.70
CA VAL B 43 3.28 0.57 -16.08
C VAL B 43 3.52 -0.35 -17.26
N ARG B 44 4.64 -0.14 -17.93
CA ARG B 44 5.08 -0.97 -19.03
C ARG B 44 6.49 -1.43 -18.71
N ASN B 45 6.75 -2.70 -18.89
CA ASN B 45 8.07 -3.24 -18.63
C ASN B 45 8.88 -3.25 -19.93
N ALA B 46 10.16 -3.63 -19.80
CA ALA B 46 11.06 -3.64 -20.94
C ALA B 46 10.65 -4.63 -22.03
N SER B 47 9.84 -5.63 -21.69
CA SER B 47 9.34 -6.57 -22.70
C SER B 47 8.14 -6.02 -23.46
N GLY B 48 7.64 -4.84 -23.11
CA GLY B 48 6.50 -4.28 -23.79
C GLY B 48 5.18 -4.62 -23.14
N ASP B 49 5.20 -5.46 -22.11
CA ASP B 49 3.96 -5.76 -21.42
C ASP B 49 3.58 -4.60 -20.53
N SER B 50 2.27 -4.42 -20.38
CA SER B 50 1.74 -3.37 -19.52
C SER B 50 0.65 -3.95 -18.64
N GLY B 51 0.51 -3.34 -17.47
CA GLY B 51 -0.50 -3.74 -16.52
C GLY B 51 -0.30 -2.93 -15.26
N PHE B 52 -1.04 -3.29 -14.22
CA PHE B 52 -1.06 -2.50 -13.02
C PHE B 52 -0.15 -3.09 -11.95
N VAL B 53 0.54 -2.20 -11.24
CA VAL B 53 1.40 -2.55 -10.12
C VAL B 53 1.04 -1.65 -8.97
N PRO B 54 1.23 -2.08 -7.74
CA PRO B 54 0.98 -1.20 -6.59
C PRO B 54 1.97 -0.05 -6.55
N ASN B 55 1.45 1.15 -6.30
CA ASN B 55 2.31 2.32 -6.29
C ASN B 55 3.42 2.17 -5.25
N ASN B 56 3.13 1.49 -4.14
CA ASN B 56 4.03 1.48 -2.99
C ASN B 56 5.18 0.48 -3.11
N ILE B 57 5.33 -0.20 -4.24
CA ILE B 57 6.56 -0.94 -4.51
C ILE B 57 7.51 -0.16 -5.40
N LEU B 58 7.12 1.04 -5.82
CA LEU B 58 7.87 1.79 -6.82
C LEU B 58 8.51 3.03 -6.22
N ASP B 59 9.67 3.38 -6.79
CA ASP B 59 10.29 4.68 -6.60
C ASP B 59 10.44 5.31 -7.98
N ILE B 60 10.02 6.58 -8.09
CA ILE B 60 10.18 7.30 -9.35
C ILE B 60 11.65 7.36 -9.71
N VAL B 61 11.94 7.31 -11.01
CA VAL B 61 13.30 7.45 -11.55
C VAL B 61 13.41 8.87 -12.08
N ARG B 62 14.39 9.62 -11.59
CA ARG B 62 14.58 10.98 -12.06
C ARG B 62 15.04 10.96 -13.53
N PRO B 63 14.87 12.07 -14.24
CA PRO B 63 15.04 12.04 -15.71
C PRO B 63 16.49 11.90 -16.16
N PRO B 64 17.42 12.75 -15.68
CA PRO B 64 18.71 12.86 -16.38
C PRO B 64 19.34 11.55 -16.85
N PRO C 1 -18.82 -9.07 7.09
CA PRO C 1 -17.74 -8.70 8.02
C PRO C 1 -16.63 -9.77 8.04
N PRO C 2 -15.37 -9.37 8.20
CA PRO C 2 -14.28 -10.33 8.10
C PRO C 2 -13.96 -10.95 9.45
N GLU C 3 -13.53 -12.21 9.39
CA GLU C 3 -13.06 -12.87 10.60
C GLU C 3 -11.67 -12.32 10.93
N LEU C 4 -11.39 -12.21 12.22
CA LEU C 4 -10.13 -11.63 12.63
C LEU C 4 -8.98 -12.60 12.37
N PRO C 5 -7.84 -12.12 11.91
CA PRO C 5 -6.66 -12.98 11.84
C PRO C 5 -6.22 -13.39 13.23
N SER C 6 -5.52 -14.51 13.28
CA SER C 6 -4.92 -14.97 14.53
C SER C 6 -4.05 -13.87 15.13
N VAL C 7 -4.03 -13.82 16.46
CA VAL C 7 -3.23 -12.82 17.16
C VAL C 7 -1.76 -13.14 16.96
N ASP C 8 -0.98 -12.12 16.56
CA ASP C 8 0.46 -12.28 16.46
C ASP C 8 1.23 -11.13 17.11
N TYR C 9 0.57 -10.31 17.91
CA TYR C 9 1.27 -9.39 18.80
C TYR C 9 1.44 -10.07 20.16
N ASN C 10 2.35 -9.53 20.97
CA ASN C 10 2.54 -10.03 22.32
C ASN C 10 1.74 -9.21 23.32
N SER C 11 1.29 -9.89 24.38
CA SER C 11 0.23 -9.39 25.25
C SER C 11 0.72 -8.53 26.40
N LEU C 12 0.79 -9.10 27.61
CA LEU C 12 0.94 -8.32 28.84
C LEU C 12 1.88 -7.13 28.73
N PRO D 1 6.73 -6.59 3.38
CA PRO D 1 7.04 -5.20 2.95
C PRO D 1 5.71 -4.48 3.13
N PRO D 2 5.38 -3.36 2.50
CA PRO D 2 4.05 -2.82 2.73
C PRO D 2 2.98 -3.69 2.06
N GLU D 3 1.79 -3.68 2.63
CA GLU D 3 0.69 -4.42 2.03
C GLU D 3 0.28 -3.76 0.72
N LEU D 4 -0.40 -4.52 -0.11
CA LEU D 4 -0.89 -4.00 -1.38
C LEU D 4 -2.09 -3.09 -1.13
N PRO D 5 -2.16 -1.95 -1.80
CA PRO D 5 -3.37 -1.15 -1.74
C PRO D 5 -4.52 -1.91 -2.39
N SER D 6 -5.73 -1.53 -2.01
CA SER D 6 -6.91 -2.13 -2.61
C SER D 6 -6.90 -1.89 -4.12
N VAL D 7 -7.39 -2.87 -4.87
CA VAL D 7 -7.46 -2.77 -6.32
C VAL D 7 -8.33 -1.57 -6.69
N ASP D 8 -7.80 -0.70 -7.55
CA ASP D 8 -8.60 0.43 -8.03
C ASP D 8 -8.54 0.59 -9.54
N TYR D 9 -7.94 -0.35 -10.27
CA TYR D 9 -8.16 -0.50 -11.69
C TYR D 9 -9.45 -1.29 -11.90
N ASN D 10 -9.97 -1.25 -13.12
CA ASN D 10 -11.16 -2.01 -13.44
C ASN D 10 -10.79 -3.30 -14.13
N SER D 11 -11.64 -4.32 -13.93
CA SER D 11 -11.30 -5.70 -14.23
C SER D 11 -12.27 -6.32 -15.22
N LEU D 12 -12.44 -7.64 -15.13
CA LEU D 12 -13.44 -8.42 -15.87
C LEU D 12 -14.11 -7.72 -17.05
#